data_2HA8
#
_entry.id   2HA8
#
_cell.length_a   41.237
_cell.length_b   86.930
_cell.length_c   48.266
_cell.angle_alpha   90.00
_cell.angle_beta   100.85
_cell.angle_gamma   90.00
#
_symmetry.space_group_name_H-M   'P 1 21 1'
#
loop_
_entity.id
_entity.type
_entity.pdbx_description
1 polymer 'TAR (HIV-1) RNA loop binding protein'
2 non-polymer S-ADENOSYL-L-HOMOCYSTEINE
3 water water
#
_entity_poly.entity_id   1
_entity_poly.type   'polypeptide(L)'
_entity_poly.pdbx_seq_one_letter_code
;NSRVSDLDLELLFQDRAARLGKSISRLIVVASLIDKPTNLGGLCRTCEVFGASVLVVGSLQCISDKQFQHLSVSAEQWLP
LVEVKPPQLIDYLQQKKTEGYTIIGVEQTAKSLDLTQYCFPEKSLLLLGNEREGIPANLIQQLDVCVEIPQQGIIRSLNV
HVSGALLIWEYTRQQLLSHGDTKP
;
_entity_poly.pdbx_strand_id   A,B
#
# COMPACT_ATOMS: atom_id res chain seq x y z
N LEU A 20 -4.61 22.69 -14.04
CA LEU A 20 -5.67 22.56 -15.08
C LEU A 20 -5.22 21.63 -16.20
N GLY A 21 -6.04 20.60 -16.43
CA GLY A 21 -5.74 19.57 -17.40
C GLY A 21 -5.29 18.28 -16.73
N LYS A 22 -5.95 17.18 -17.07
CA LYS A 22 -5.59 15.88 -16.55
C LYS A 22 -4.83 15.09 -17.62
N SER A 23 -3.61 14.69 -17.30
CA SER A 23 -2.78 13.90 -18.22
C SER A 23 -3.28 12.47 -18.35
N ILE A 24 -3.15 11.93 -19.55
CA ILE A 24 -3.43 10.52 -19.78
C ILE A 24 -2.50 9.69 -18.88
N SER A 25 -3.03 8.59 -18.36
N SER A 25 -3.02 8.64 -18.25
CA SER A 25 -2.26 7.66 -17.56
CA SER A 25 -2.09 7.79 -17.49
C SER A 25 -1.43 6.76 -18.46
C SER A 25 -1.41 6.81 -18.42
N ARG A 26 -0.14 6.61 -18.15
CA ARG A 26 0.68 5.66 -18.88
C ARG A 26 0.74 4.33 -18.05
N LEU A 27 0.60 4.42 -16.72
CA LEU A 27 0.92 3.27 -15.84
C LEU A 27 0.09 2.01 -16.12
N ILE A 28 0.76 0.88 -16.32
CA ILE A 28 0.06 -0.39 -16.51
C ILE A 28 0.42 -1.29 -15.35
N VAL A 29 -0.58 -1.90 -14.73
CA VAL A 29 -0.33 -2.86 -13.66
C VAL A 29 -0.78 -4.24 -14.11
N VAL A 30 0.14 -5.19 -14.07
CA VAL A 30 -0.14 -6.54 -14.49
C VAL A 30 -0.26 -7.49 -13.30
N ALA A 31 -1.49 -7.98 -13.08
CA ALA A 31 -1.80 -8.86 -11.98
C ALA A 31 -2.13 -10.31 -12.43
N SER A 32 -1.78 -10.68 -13.67
CA SER A 32 -2.12 -12.01 -14.21
C SER A 32 -1.59 -13.18 -13.39
N LEU A 33 -0.51 -12.96 -12.65
CA LEU A 33 0.10 -14.03 -11.87
C LEU A 33 -0.53 -14.22 -10.49
N ILE A 34 -1.29 -13.22 -10.06
CA ILE A 34 -1.92 -13.21 -8.74
C ILE A 34 -3.19 -14.09 -8.73
N ASP A 35 -3.33 -14.94 -7.72
CA ASP A 35 -4.40 -15.95 -7.65
C ASP A 35 -5.60 -15.54 -6.79
N LYS A 36 -5.34 -14.85 -5.66
CA LYS A 36 -6.39 -14.64 -4.65
C LYS A 36 -7.31 -13.48 -5.03
N PRO A 37 -8.64 -13.71 -5.03
CA PRO A 37 -9.58 -12.62 -5.35
C PRO A 37 -9.51 -11.45 -4.39
N THR A 38 -9.15 -11.70 -3.13
CA THR A 38 -8.98 -10.60 -2.17
C THR A 38 -7.82 -9.69 -2.58
N ASN A 39 -6.71 -10.27 -3.04
CA ASN A 39 -5.60 -9.44 -3.54
C ASN A 39 -5.98 -8.71 -4.84
N LEU A 40 -6.65 -9.41 -5.75
CA LEU A 40 -7.07 -8.77 -6.99
C LEU A 40 -8.07 -7.63 -6.74
N GLY A 41 -9.05 -7.87 -5.86
CA GLY A 41 -10.05 -6.83 -5.56
C GLY A 41 -9.42 -5.60 -4.91
N GLY A 42 -8.55 -5.83 -3.95
CA GLY A 42 -7.83 -4.75 -3.24
C GLY A 42 -7.02 -3.95 -4.24
N LEU A 43 -6.29 -4.67 -5.08
CA LEU A 43 -5.45 -4.01 -6.07
C LEU A 43 -6.30 -3.19 -7.06
N CYS A 44 -7.45 -3.73 -7.44
CA CYS A 44 -8.37 -3.01 -8.31
C CYS A 44 -8.74 -1.63 -7.73
N ARG A 45 -9.11 -1.60 -6.44
CA ARG A 45 -9.46 -0.33 -5.78
C ARG A 45 -8.28 0.63 -5.83
N THR A 46 -7.11 0.12 -5.45
CA THR A 46 -5.91 0.96 -5.41
C THR A 46 -5.56 1.54 -6.79
N CYS A 47 -5.63 0.68 -7.81
CA CYS A 47 -5.34 1.10 -9.17
C CYS A 47 -6.30 2.18 -9.64
N GLU A 48 -7.59 2.01 -9.31
CA GLU A 48 -8.58 3.04 -9.69
C GLU A 48 -8.31 4.37 -8.99
N VAL A 49 -8.07 4.30 -7.69
CA VAL A 49 -7.77 5.51 -6.91
C VAL A 49 -6.60 6.31 -7.47
N PHE A 50 -5.55 5.61 -7.89
CA PHE A 50 -4.36 6.28 -8.41
C PHE A 50 -4.35 6.48 -9.91
N GLY A 51 -5.46 6.16 -10.56
CA GLY A 51 -5.61 6.45 -11.99
C GLY A 51 -4.71 5.66 -12.93
N ALA A 52 -4.42 4.42 -12.59
CA ALA A 52 -3.73 3.53 -13.53
C ALA A 52 -4.49 3.44 -14.87
N SER A 53 -3.74 3.30 -15.96
CA SER A 53 -4.39 3.21 -17.26
C SER A 53 -5.17 1.90 -17.41
N VAL A 54 -4.65 0.81 -16.84
CA VAL A 54 -5.33 -0.48 -16.98
C VAL A 54 -4.80 -1.44 -15.92
N LEU A 55 -5.67 -2.33 -15.44
CA LEU A 55 -5.23 -3.46 -14.62
C LEU A 55 -5.40 -4.71 -15.45
N VAL A 56 -4.30 -5.42 -15.65
CA VAL A 56 -4.35 -6.68 -16.39
C VAL A 56 -4.51 -7.84 -15.43
N VAL A 57 -5.48 -8.72 -15.72
CA VAL A 57 -5.77 -9.86 -14.84
C VAL A 57 -5.70 -11.18 -15.63
N GLY A 58 -5.54 -12.28 -14.91
CA GLY A 58 -5.35 -13.58 -15.56
C GLY A 58 -6.66 -14.14 -16.08
N SER A 59 -7.75 -13.71 -15.47
CA SER A 59 -9.09 -14.12 -15.89
C SER A 59 -10.07 -13.09 -15.40
N LEU A 60 -10.95 -12.60 -16.27
CA LEU A 60 -12.00 -11.68 -15.85
C LEU A 60 -13.06 -12.39 -15.00
N GLN A 61 -12.94 -13.71 -14.85
CA GLN A 61 -13.76 -14.42 -13.86
C GLN A 61 -13.61 -13.81 -12.47
N CYS A 62 -12.43 -13.25 -12.18
CA CYS A 62 -12.16 -12.69 -10.84
C CYS A 62 -13.18 -11.63 -10.41
N ILE A 63 -13.66 -10.80 -11.34
CA ILE A 63 -14.59 -9.73 -10.96
C ILE A 63 -15.99 -10.27 -10.63
N SER A 64 -16.27 -11.53 -10.99
CA SER A 64 -17.56 -12.15 -10.63
C SER A 64 -17.61 -12.70 -9.20
N ASP A 65 -16.48 -12.67 -8.52
CA ASP A 65 -16.29 -13.28 -7.20
C ASP A 65 -16.68 -12.28 -6.11
N LYS A 66 -17.49 -12.71 -5.14
CA LYS A 66 -17.94 -11.84 -4.07
C LYS A 66 -16.79 -11.26 -3.26
N GLN A 67 -15.72 -12.04 -3.07
CA GLN A 67 -14.55 -11.59 -2.29
C GLN A 67 -13.84 -10.45 -3.02
N PHE A 68 -13.75 -10.57 -4.34
CA PHE A 68 -13.19 -9.51 -5.18
C PHE A 68 -14.03 -8.24 -5.01
N GLN A 69 -15.35 -8.41 -5.19
CA GLN A 69 -16.26 -7.27 -5.16
C GLN A 69 -16.30 -6.53 -3.83
N HIS A 70 -16.16 -7.28 -2.73
CA HIS A 70 -16.18 -6.70 -1.39
C HIS A 70 -15.00 -5.75 -1.19
N LEU A 71 -13.87 -6.08 -1.81
CA LEU A 71 -12.65 -5.29 -1.63
C LEU A 71 -12.51 -4.21 -2.72
N SER A 72 -13.03 -4.48 -3.91
CA SER A 72 -12.91 -3.53 -5.01
C SER A 72 -13.85 -2.34 -4.91
N VAL A 73 -14.92 -2.48 -4.11
CA VAL A 73 -15.91 -1.41 -3.90
C VAL A 73 -16.33 -0.68 -5.19
N SER A 74 -16.64 -1.48 -6.21
CA SER A 74 -17.12 -0.99 -7.52
C SER A 74 -16.07 -0.38 -8.42
N ALA A 75 -14.79 -0.43 -8.02
CA ALA A 75 -13.73 0.18 -8.81
C ALA A 75 -13.64 -0.40 -10.22
N GLU A 76 -14.05 -1.66 -10.38
CA GLU A 76 -14.07 -2.34 -11.67
C GLU A 76 -14.98 -1.66 -12.70
N GLN A 77 -15.92 -0.85 -12.22
CA GLN A 77 -16.80 -0.10 -13.12
C GLN A 77 -16.11 1.09 -13.76
N TRP A 78 -14.95 1.47 -13.23
CA TRP A 78 -14.31 2.74 -13.58
C TRP A 78 -12.88 2.61 -14.04
N LEU A 79 -12.28 1.46 -13.74
CA LEU A 79 -10.92 1.16 -14.11
C LEU A 79 -10.97 0.13 -15.25
N PRO A 80 -10.30 0.41 -16.37
CA PRO A 80 -10.26 -0.60 -17.44
C PRO A 80 -9.53 -1.85 -16.97
N LEU A 81 -10.15 -3.00 -17.20
CA LEU A 81 -9.56 -4.29 -16.90
C LEU A 81 -9.38 -5.04 -18.22
N VAL A 82 -8.21 -5.66 -18.40
CA VAL A 82 -8.04 -6.55 -19.56
C VAL A 82 -7.57 -7.92 -19.11
N GLU A 83 -8.02 -8.97 -19.81
CA GLU A 83 -7.58 -10.32 -19.50
C GLU A 83 -6.38 -10.68 -20.36
N VAL A 84 -5.29 -11.03 -19.70
CA VAL A 84 -4.13 -11.67 -20.35
C VAL A 84 -3.84 -12.91 -19.51
N LYS A 85 -4.21 -14.07 -20.04
CA LYS A 85 -3.92 -15.33 -19.35
C LYS A 85 -2.42 -15.53 -19.26
N PRO A 86 -1.94 -16.18 -18.18
CA PRO A 86 -0.48 -16.33 -18.03
C PRO A 86 0.25 -16.89 -19.28
N PRO A 87 -0.31 -17.89 -20.01
CA PRO A 87 0.39 -18.35 -21.21
C PRO A 87 0.58 -17.30 -22.31
N GLN A 88 -0.23 -16.24 -22.30
CA GLN A 88 -0.14 -15.15 -23.28
C GLN A 88 0.69 -13.94 -22.78
N LEU A 89 1.22 -14.04 -21.57
CA LEU A 89 1.93 -12.94 -20.93
C LEU A 89 3.17 -12.52 -21.71
N ILE A 90 3.98 -13.48 -22.16
CA ILE A 90 5.20 -13.15 -22.89
C ILE A 90 4.91 -12.31 -24.13
N ASP A 91 3.93 -12.73 -24.93
CA ASP A 91 3.51 -11.98 -26.10
C ASP A 91 2.99 -10.58 -25.75
N TYR A 92 2.21 -10.48 -24.67
CA TYR A 92 1.68 -9.19 -24.22
C TYR A 92 2.81 -8.24 -23.81
N LEU A 93 3.74 -8.75 -23.02
CA LEU A 93 4.85 -7.93 -22.55
C LEU A 93 5.71 -7.47 -23.72
N GLN A 94 5.94 -8.37 -24.68
CA GLN A 94 6.73 -8.02 -25.87
C GLN A 94 6.04 -6.91 -26.69
N GLN A 95 4.72 -6.99 -26.84
CA GLN A 95 3.98 -5.93 -27.51
C GLN A 95 4.10 -4.58 -26.80
N LYS A 96 4.03 -4.58 -25.47
CA LYS A 96 4.14 -3.34 -24.73
C LYS A 96 5.54 -2.72 -24.84
N LYS A 97 6.59 -3.55 -24.94
CA LYS A 97 7.95 -3.04 -25.18
C LYS A 97 7.98 -2.25 -26.49
N THR A 98 7.34 -2.82 -27.48
CA THR A 98 7.17 -2.21 -28.80
C THR A 98 6.52 -0.83 -28.71
N GLU A 99 5.66 -0.65 -27.71
CA GLU A 99 4.92 0.59 -27.50
C GLU A 99 5.65 1.54 -26.57
N GLY A 100 6.90 1.17 -26.21
CA GLY A 100 7.77 2.03 -25.45
C GLY A 100 7.69 1.83 -23.95
N TYR A 101 7.01 0.76 -23.50
CA TYR A 101 6.93 0.47 -22.05
C TYR A 101 8.20 -0.18 -21.54
N THR A 102 8.60 0.22 -20.34
CA THR A 102 9.63 -0.47 -19.59
C THR A 102 8.94 -1.53 -18.73
N ILE A 103 9.40 -2.77 -18.86
CA ILE A 103 8.77 -3.89 -18.14
C ILE A 103 9.51 -4.05 -16.83
N ILE A 104 8.83 -3.68 -15.74
CA ILE A 104 9.41 -3.65 -14.39
C ILE A 104 8.86 -4.83 -13.59
N GLY A 105 9.71 -5.79 -13.26
CA GLY A 105 9.32 -6.85 -12.35
C GLY A 105 9.34 -6.30 -10.95
N VAL A 106 8.31 -6.62 -10.18
CA VAL A 106 8.26 -6.20 -8.80
C VAL A 106 8.60 -7.44 -7.98
N GLU A 107 9.84 -7.50 -7.49
CA GLU A 107 10.31 -8.74 -6.89
C GLU A 107 11.64 -8.58 -6.19
N GLN A 108 11.81 -9.39 -5.14
CA GLN A 108 13.05 -9.43 -4.37
C GLN A 108 13.98 -10.42 -5.08
N THR A 109 15.07 -9.92 -5.66
CA THR A 109 16.05 -10.77 -6.38
C THR A 109 17.43 -10.16 -6.17
N ALA A 110 18.47 -10.95 -6.46
CA ALA A 110 19.83 -10.50 -6.24
C ALA A 110 20.23 -9.31 -7.12
N LYS A 111 19.50 -9.13 -8.23
CA LYS A 111 19.79 -8.04 -9.18
C LYS A 111 18.74 -6.94 -9.16
N SER A 112 17.86 -6.99 -8.18
CA SER A 112 16.81 -5.95 -8.11
C SER A 112 17.36 -4.60 -7.69
N LEU A 113 16.82 -3.54 -8.31
CA LEU A 113 17.09 -2.16 -7.90
C LEU A 113 16.23 -1.79 -6.70
N ASP A 114 16.79 -1.00 -5.79
CA ASP A 114 16.09 -0.59 -4.59
C ASP A 114 15.10 0.51 -4.94
N LEU A 115 13.84 0.34 -4.54
CA LEU A 115 12.80 1.36 -4.81
C LEU A 115 13.20 2.77 -4.39
N THR A 116 13.98 2.90 -3.32
CA THR A 116 14.40 4.24 -2.86
C THR A 116 15.34 4.96 -3.85
N GLN A 117 15.92 4.20 -4.78
CA GLN A 117 16.90 4.71 -5.74
C GLN A 117 16.40 4.63 -7.18
N TYR A 118 15.15 4.24 -7.38
CA TYR A 118 14.66 3.97 -8.72
C TYR A 118 13.79 5.10 -9.27
N CYS A 119 14.16 5.59 -10.44
N CYS A 119 14.16 5.62 -10.43
CA CYS A 119 13.39 6.62 -11.13
CA CYS A 119 13.37 6.64 -11.11
C CYS A 119 12.52 6.01 -12.23
C CYS A 119 12.52 6.02 -12.23
N PHE A 120 11.21 6.03 -12.02
CA PHE A 120 10.28 5.43 -12.98
C PHE A 120 10.20 6.15 -14.31
N PRO A 121 10.29 5.39 -15.40
CA PRO A 121 9.93 5.98 -16.69
C PRO A 121 8.44 6.27 -16.77
N GLU A 122 8.07 7.22 -17.60
CA GLU A 122 6.66 7.54 -17.73
C GLU A 122 5.84 6.31 -18.11
N LYS A 123 6.30 5.57 -19.12
CA LYS A 123 5.61 4.36 -19.54
C LYS A 123 6.18 3.19 -18.76
N SER A 124 5.61 2.99 -17.56
CA SER A 124 6.03 1.88 -16.68
C SER A 124 4.95 0.82 -16.67
N LEU A 125 5.38 -0.44 -16.79
CA LEU A 125 4.49 -1.57 -16.62
C LEU A 125 5.00 -2.38 -15.44
N LEU A 126 4.14 -2.62 -14.46
CA LEU A 126 4.54 -3.31 -13.23
C LEU A 126 4.06 -4.74 -13.28
N LEU A 127 4.98 -5.70 -13.20
CA LEU A 127 4.59 -7.11 -13.21
C LEU A 127 4.73 -7.64 -11.78
N LEU A 128 3.59 -7.94 -11.15
CA LEU A 128 3.59 -8.49 -9.79
C LEU A 128 3.67 -10.02 -9.80
N GLY A 129 4.25 -10.59 -8.74
CA GLY A 129 4.42 -12.04 -8.70
C GLY A 129 3.24 -12.77 -8.08
N ASN A 130 3.20 -14.07 -8.30
CA ASN A 130 2.25 -14.96 -7.62
C ASN A 130 2.48 -14.99 -6.11
N GLU A 131 1.42 -15.15 -5.32
CA GLU A 131 1.54 -15.12 -3.86
C GLU A 131 2.52 -16.18 -3.35
N ARG A 132 2.52 -17.34 -3.99
CA ARG A 132 3.33 -18.47 -3.54
C ARG A 132 4.65 -18.52 -4.30
N GLU A 133 4.57 -18.34 -5.62
CA GLU A 133 5.67 -18.65 -6.52
C GLU A 133 6.47 -17.42 -6.95
N GLY A 134 5.99 -16.21 -6.67
CA GLY A 134 6.68 -15.01 -7.18
C GLY A 134 6.59 -14.92 -8.71
N ILE A 135 7.60 -14.31 -9.34
CA ILE A 135 7.63 -14.24 -10.80
C ILE A 135 8.37 -15.48 -11.35
N PRO A 136 7.73 -16.26 -12.25
CA PRO A 136 8.45 -17.44 -12.76
C PRO A 136 9.65 -17.08 -13.63
N ALA A 137 10.64 -17.99 -13.70
CA ALA A 137 11.86 -17.74 -14.49
C ALA A 137 11.64 -17.32 -15.95
N ASN A 138 10.69 -17.94 -16.63
CA ASN A 138 10.38 -17.59 -18.02
C ASN A 138 9.96 -16.14 -18.18
N LEU A 139 9.41 -15.56 -17.12
CA LEU A 139 9.06 -14.14 -17.19
C LEU A 139 10.19 -13.23 -16.71
N ILE A 140 11.00 -13.70 -15.76
CA ILE A 140 12.16 -12.92 -15.34
C ILE A 140 13.02 -12.55 -16.57
N GLN A 141 13.15 -13.49 -17.49
CA GLN A 141 13.82 -13.28 -18.78
C GLN A 141 13.30 -12.10 -19.60
N GLN A 142 12.01 -11.81 -19.46
CA GLN A 142 11.35 -10.78 -20.26
C GLN A 142 11.43 -9.39 -19.63
N LEU A 143 11.93 -9.32 -18.40
CA LEU A 143 11.99 -8.05 -17.66
C LEU A 143 13.07 -7.13 -18.18
N ASP A 144 12.79 -5.82 -18.17
CA ASP A 144 13.82 -4.82 -18.41
C ASP A 144 14.61 -4.53 -17.16
N VAL A 145 13.92 -4.57 -16.02
CA VAL A 145 14.52 -4.27 -14.72
C VAL A 145 13.65 -4.97 -13.68
N CYS A 146 14.23 -5.21 -12.51
N CYS A 146 14.20 -5.20 -12.50
CA CYS A 146 13.50 -5.69 -11.34
CA CYS A 146 13.41 -5.71 -11.38
C CYS A 146 13.62 -4.63 -10.28
C CYS A 146 13.63 -4.78 -10.21
N VAL A 147 12.54 -4.41 -9.54
CA VAL A 147 12.57 -3.42 -8.46
C VAL A 147 12.08 -4.07 -7.17
N GLU A 148 12.81 -3.83 -6.09
CA GLU A 148 12.45 -4.37 -4.79
C GLU A 148 12.26 -3.28 -3.76
N ILE A 149 11.31 -3.52 -2.86
CA ILE A 149 11.07 -2.64 -1.72
C ILE A 149 11.98 -3.10 -0.60
N PRO A 150 12.84 -2.20 -0.07
CA PRO A 150 13.75 -2.64 1.03
C PRO A 150 12.98 -2.96 2.31
N GLN A 151 13.39 -4.00 3.03
CA GLN A 151 12.71 -4.42 4.26
C GLN A 151 13.68 -4.37 5.44
N GLN A 152 13.14 -4.25 6.65
CA GLN A 152 13.97 -4.15 7.85
C GLN A 152 13.72 -5.27 8.84
N GLY A 153 12.52 -5.83 8.83
CA GLY A 153 12.14 -6.81 9.84
C GLY A 153 12.54 -8.25 9.51
N ILE A 154 11.87 -9.18 10.18
CA ILE A 154 12.11 -10.60 10.07
C ILE A 154 11.26 -11.29 8.99
N ILE A 155 10.03 -10.83 8.79
CA ILE A 155 9.12 -11.42 7.83
C ILE A 155 9.71 -11.26 6.42
N ARG A 156 9.60 -12.31 5.62
CA ARG A 156 10.36 -12.39 4.37
C ARG A 156 9.88 -11.46 3.26
N SER A 157 8.60 -11.15 3.25
CA SER A 157 7.99 -10.41 2.12
C SER A 157 6.77 -9.63 2.56
N LEU A 158 6.38 -8.65 1.75
CA LEU A 158 5.10 -7.98 1.90
C LEU A 158 4.00 -8.76 1.18
N ASN A 159 2.75 -8.45 1.52
CA ASN A 159 1.63 -8.91 0.72
C ASN A 159 1.75 -8.32 -0.70
N VAL A 160 1.30 -9.10 -1.68
CA VAL A 160 1.51 -8.68 -3.09
C VAL A 160 0.73 -7.40 -3.47
N HIS A 161 -0.49 -7.24 -2.96
CA HIS A 161 -1.29 -6.01 -3.24
C HIS A 161 -0.61 -4.81 -2.58
N VAL A 162 -0.15 -4.98 -1.33
CA VAL A 162 0.54 -3.89 -0.66
C VAL A 162 1.80 -3.50 -1.43
N SER A 163 2.54 -4.51 -1.90
CA SER A 163 3.75 -4.27 -2.72
C SER A 163 3.39 -3.43 -3.96
N GLY A 164 2.33 -3.84 -4.66
CA GLY A 164 1.87 -3.09 -5.84
C GLY A 164 1.48 -1.67 -5.47
N ALA A 165 0.75 -1.52 -4.36
CA ALA A 165 0.34 -0.17 -3.92
C ALA A 165 1.54 0.71 -3.70
N LEU A 166 2.60 0.17 -3.09
CA LEU A 166 3.76 1.01 -2.80
C LEU A 166 4.44 1.49 -4.09
N LEU A 167 4.54 0.61 -5.09
CA LEU A 167 5.14 1.05 -6.36
C LEU A 167 4.24 2.00 -7.14
N ILE A 168 2.94 1.76 -7.10
CA ILE A 168 1.97 2.67 -7.75
C ILE A 168 2.09 4.06 -7.12
N TRP A 169 2.17 4.09 -5.78
CA TRP A 169 2.36 5.36 -5.07
C TRP A 169 3.68 6.03 -5.45
N GLU A 170 4.78 5.29 -5.43
CA GLU A 170 6.08 5.91 -5.72
C GLU A 170 6.13 6.46 -7.16
N TYR A 171 5.57 5.70 -8.10
CA TYR A 171 5.41 6.14 -9.49
C TYR A 171 4.63 7.46 -9.51
N THR A 172 3.50 7.46 -8.81
CA THR A 172 2.60 8.62 -8.79
C THR A 172 3.29 9.85 -8.17
N ARG A 173 3.95 9.66 -7.03
CA ARG A 173 4.68 10.74 -6.35
C ARG A 173 5.75 11.34 -7.26
N GLN A 174 6.46 10.48 -7.98
CA GLN A 174 7.53 10.93 -8.85
C GLN A 174 6.99 11.71 -10.04
N GLN A 175 5.89 11.27 -10.60
CA GLN A 175 5.31 11.94 -11.77
C GLN A 175 4.74 13.30 -11.35
N LEU A 176 4.24 13.37 -10.12
CA LEU A 176 3.61 14.61 -9.62
C LEU A 176 4.67 15.66 -9.35
N LEU A 177 5.88 15.22 -8.99
CA LEU A 177 6.97 16.14 -8.69
C LEU A 177 7.63 16.65 -9.97
N SER A 178 7.28 16.03 -11.10
CA SER A 178 7.71 16.49 -12.41
C SER A 178 6.53 16.76 -13.33
N ARG B 26 11.51 6.84 16.30
CA ARG B 26 10.92 6.33 15.03
C ARG B 26 9.39 6.39 14.98
N LEU B 27 8.72 5.26 14.75
CA LEU B 27 7.36 5.34 14.22
C LEU B 27 6.41 4.53 15.05
N ILE B 28 5.31 5.16 15.48
CA ILE B 28 4.22 4.46 16.15
C ILE B 28 3.03 4.50 15.21
N VAL B 29 2.38 3.35 15.04
CA VAL B 29 1.19 3.28 14.20
C VAL B 29 0.02 2.92 15.11
N VAL B 30 -1.02 3.75 15.11
CA VAL B 30 -2.13 3.53 16.02
C VAL B 30 -3.35 3.05 15.23
N ALA B 31 -3.73 1.80 15.46
CA ALA B 31 -4.82 1.14 14.75
C ALA B 31 -6.06 0.89 15.62
N SER B 32 -6.12 1.57 16.77
CA SER B 32 -7.21 1.37 17.74
C SER B 32 -8.62 1.60 17.20
N LEU B 33 -8.73 2.43 16.16
CA LEU B 33 -10.04 2.78 15.60
C LEU B 33 -10.52 1.78 14.57
N ILE B 34 -9.61 0.92 14.13
CA ILE B 34 -9.86 -0.07 13.08
C ILE B 34 -10.58 -1.30 13.64
N ASP B 35 -11.70 -1.67 13.00
CA ASP B 35 -12.57 -2.78 13.46
C ASP B 35 -12.22 -4.14 12.88
N LYS B 36 -11.81 -4.20 11.61
CA LYS B 36 -11.72 -5.51 10.91
C LYS B 36 -10.41 -6.24 11.15
N PRO B 37 -10.47 -7.50 11.63
CA PRO B 37 -9.26 -8.29 11.83
C PRO B 37 -8.37 -8.43 10.59
N THR B 38 -8.97 -8.48 9.40
CA THR B 38 -8.17 -8.57 8.16
C THR B 38 -7.30 -7.32 7.97
N ASN B 39 -7.88 -6.16 8.23
CA ASN B 39 -7.11 -4.92 8.17
C ASN B 39 -6.02 -4.86 9.22
N LEU B 40 -6.35 -5.25 10.46
CA LEU B 40 -5.35 -5.26 11.52
C LEU B 40 -4.22 -6.25 11.24
N GLY B 41 -4.58 -7.45 10.78
CA GLY B 41 -3.59 -8.48 10.50
C GLY B 41 -2.66 -8.05 9.38
N GLY B 42 -3.24 -7.47 8.32
CA GLY B 42 -2.44 -6.94 7.21
C GLY B 42 -1.46 -5.87 7.67
N LEU B 43 -1.96 -4.97 8.49
CA LEU B 43 -1.16 -3.86 8.98
C LEU B 43 -0.04 -4.36 9.86
N CYS B 44 -0.32 -5.41 10.62
CA CYS B 44 0.71 -6.00 11.46
C CYS B 44 1.90 -6.47 10.61
N ARG B 45 1.60 -7.15 9.49
CA ARG B 45 2.68 -7.63 8.62
C ARG B 45 3.48 -6.44 8.05
N THR B 46 2.78 -5.42 7.58
CA THR B 46 3.45 -4.26 6.98
C THR B 46 4.33 -3.49 8.00
N CYS B 47 3.79 -3.31 9.20
CA CYS B 47 4.55 -2.64 10.25
C CYS B 47 5.83 -3.39 10.62
N GLU B 48 5.74 -4.72 10.68
CA GLU B 48 6.90 -5.54 11.02
C GLU B 48 7.98 -5.45 9.94
N VAL B 49 7.56 -5.55 8.68
CA VAL B 49 8.47 -5.49 7.55
C VAL B 49 9.24 -4.17 7.51
N PHE B 50 8.54 -3.08 7.86
CA PHE B 50 9.18 -1.75 7.85
C PHE B 50 9.79 -1.31 9.17
N GLY B 51 9.80 -2.19 10.16
CA GLY B 51 10.44 -1.88 11.42
C GLY B 51 9.78 -0.78 12.23
N ALA B 52 8.45 -0.72 12.20
CA ALA B 52 7.73 0.23 13.07
C ALA B 52 8.09 -0.07 14.52
N SER B 53 8.15 0.99 15.34
CA SER B 53 8.49 0.84 16.77
C SER B 53 7.43 0.05 17.54
N VAL B 54 6.17 0.34 17.22
CA VAL B 54 5.05 -0.34 17.83
C VAL B 54 3.80 -0.19 16.97
N LEU B 55 2.97 -1.22 17.00
CA LEU B 55 1.60 -1.12 16.48
C LEU B 55 0.65 -1.15 17.68
N VAL B 56 -0.20 -0.14 17.79
CA VAL B 56 -1.20 -0.02 18.85
C VAL B 56 -2.54 -0.50 18.33
N VAL B 57 -3.18 -1.38 19.09
CA VAL B 57 -4.46 -1.97 18.69
C VAL B 57 -5.52 -1.71 19.77
N GLY B 58 -6.78 -1.88 19.41
CA GLY B 58 -7.89 -1.55 20.33
C GLY B 58 -8.12 -2.64 21.35
N SER B 59 -7.71 -3.85 21.00
CA SER B 59 -7.87 -5.02 21.87
C SER B 59 -6.81 -6.04 21.50
N LEU B 60 -6.07 -6.50 22.49
CA LEU B 60 -5.08 -7.57 22.28
C LEU B 60 -5.72 -8.88 21.81
N GLN B 61 -7.03 -9.02 22.03
CA GLN B 61 -7.74 -10.22 21.58
C GLN B 61 -7.69 -10.39 20.07
N CYS B 62 -7.54 -9.30 19.32
CA CYS B 62 -7.52 -9.40 17.86
C CYS B 62 -6.34 -10.24 17.37
N ILE B 63 -5.23 -10.18 18.09
CA ILE B 63 -3.99 -10.87 17.70
C ILE B 63 -4.19 -12.38 17.56
N SER B 64 -5.16 -12.93 18.29
CA SER B 64 -5.43 -14.36 18.27
C SER B 64 -6.64 -14.74 17.41
N ASP B 65 -7.18 -13.78 16.66
CA ASP B 65 -8.29 -14.01 15.75
C ASP B 65 -7.76 -14.67 14.47
N LYS B 66 -8.46 -15.67 13.95
CA LYS B 66 -7.93 -16.47 12.84
C LYS B 66 -7.75 -15.67 11.55
N GLN B 67 -8.63 -14.69 11.33
CA GLN B 67 -8.55 -13.82 10.15
C GLN B 67 -7.33 -12.91 10.27
N PHE B 68 -7.08 -12.40 11.48
CA PHE B 68 -5.88 -11.61 11.76
C PHE B 68 -4.63 -12.44 11.49
N GLN B 69 -4.58 -13.66 12.05
CA GLN B 69 -3.40 -14.52 11.91
C GLN B 69 -3.11 -14.90 10.47
N HIS B 70 -4.15 -15.11 9.68
CA HIS B 70 -3.99 -15.46 8.27
C HIS B 70 -3.20 -14.38 7.52
N LEU B 71 -3.52 -13.12 7.83
CA LEU B 71 -2.92 -11.98 7.14
C LEU B 71 -1.60 -11.52 7.75
N SER B 72 -1.41 -11.74 9.04
CA SER B 72 -0.22 -11.23 9.72
C SER B 72 1.00 -12.14 9.53
N VAL B 73 0.76 -13.39 9.12
CA VAL B 73 1.79 -14.40 8.84
C VAL B 73 2.95 -14.39 9.87
N SER B 74 2.57 -14.46 11.15
CA SER B 74 3.51 -14.53 12.30
C SER B 74 4.21 -13.23 12.65
N ALA B 75 3.87 -12.14 11.95
CA ALA B 75 4.53 -10.86 12.23
C ALA B 75 4.38 -10.44 13.70
N GLU B 76 3.29 -10.88 14.32
CA GLU B 76 2.97 -10.54 15.71
C GLU B 76 4.01 -11.10 16.69
N GLN B 77 4.79 -12.08 16.25
CA GLN B 77 5.88 -12.62 17.05
C GLN B 77 7.06 -11.68 17.17
N TRP B 78 7.14 -10.73 16.25
CA TRP B 78 8.35 -9.96 16.05
C TRP B 78 8.16 -8.46 16.14
N LEU B 79 6.89 -8.04 16.20
CA LEU B 79 6.50 -6.62 16.25
C LEU B 79 5.97 -6.32 17.64
N PRO B 80 6.49 -5.27 18.29
CA PRO B 80 5.86 -4.83 19.56
C PRO B 80 4.41 -4.38 19.37
N LEU B 81 3.51 -4.95 20.17
CA LEU B 81 2.11 -4.64 20.08
C LEU B 81 1.62 -4.14 21.43
N VAL B 82 0.79 -3.11 21.41
CA VAL B 82 0.31 -2.47 22.63
C VAL B 82 -1.18 -2.23 22.48
N GLU B 83 -1.93 -2.53 23.54
CA GLU B 83 -3.37 -2.23 23.55
C GLU B 83 -3.66 -0.84 24.13
N VAL B 84 -4.38 -0.03 23.36
CA VAL B 84 -4.96 1.23 23.82
C VAL B 84 -6.41 1.22 23.33
N LYS B 85 -7.36 1.12 24.25
CA LYS B 85 -8.75 1.03 23.88
C LYS B 85 -9.21 2.41 23.39
N PRO B 86 -10.17 2.46 22.45
CA PRO B 86 -10.58 3.78 21.93
C PRO B 86 -10.86 4.87 23.01
N PRO B 87 -11.55 4.53 24.12
CA PRO B 87 -11.78 5.55 25.16
C PRO B 87 -10.50 6.13 25.78
N GLN B 88 -9.38 5.40 25.65
CA GLN B 88 -8.11 5.83 26.21
C GLN B 88 -7.22 6.61 25.24
N LEU B 89 -7.70 6.79 24.01
CA LEU B 89 -6.85 7.37 22.97
C LEU B 89 -6.41 8.78 23.26
N ILE B 90 -7.34 9.63 23.70
CA ILE B 90 -6.99 11.03 23.96
C ILE B 90 -5.84 11.12 24.96
N ASP B 91 -5.97 10.39 26.06
CA ASP B 91 -4.93 10.42 27.10
C ASP B 91 -3.61 9.84 26.59
N TYR B 92 -3.70 8.79 25.78
CA TYR B 92 -2.50 8.14 25.23
C TYR B 92 -1.74 9.05 24.27
N LEU B 93 -2.49 9.71 23.39
CA LEU B 93 -1.91 10.60 22.41
C LEU B 93 -1.30 11.84 23.07
N GLN B 94 -1.98 12.35 24.10
CA GLN B 94 -1.42 13.46 24.89
C GLN B 94 -0.10 13.05 25.53
N GLN B 95 -0.04 11.84 26.10
CA GLN B 95 1.21 11.33 26.67
C GLN B 95 2.33 11.24 25.62
N LYS B 96 1.99 10.77 24.42
CA LYS B 96 3.00 10.66 23.38
C LYS B 96 3.51 12.02 22.93
N LYS B 97 2.64 13.03 22.93
CA LYS B 97 3.10 14.40 22.63
C LYS B 97 4.18 14.85 23.61
N THR B 98 3.97 14.55 24.89
CA THR B 98 4.95 14.94 25.94
C THR B 98 6.29 14.20 25.76
N GLU B 99 6.26 13.06 25.08
CA GLU B 99 7.47 12.31 24.77
C GLU B 99 8.13 12.77 23.47
N GLY B 100 7.50 13.70 22.77
CA GLY B 100 8.14 14.37 21.63
C GLY B 100 7.59 13.92 20.28
N TYR B 101 6.51 13.15 20.31
CA TYR B 101 5.85 12.69 19.07
C TYR B 101 4.96 13.75 18.45
N THR B 102 4.98 13.77 17.11
CA THR B 102 4.02 14.52 16.34
C THR B 102 2.85 13.59 16.07
N ILE B 103 1.66 14.06 16.43
CA ILE B 103 0.44 13.25 16.31
C ILE B 103 -0.20 13.52 14.94
N ILE B 104 -0.05 12.55 14.05
CA ILE B 104 -0.45 12.70 12.66
C ILE B 104 -1.72 11.91 12.37
N GLY B 105 -2.82 12.61 12.05
CA GLY B 105 -4.02 11.91 11.61
C GLY B 105 -3.84 11.49 10.17
N VAL B 106 -4.21 10.27 9.85
CA VAL B 106 -4.18 9.85 8.44
C VAL B 106 -5.61 9.96 7.97
N GLU B 107 -5.92 11.01 7.22
CA GLU B 107 -7.32 11.26 6.91
C GLU B 107 -7.50 12.30 5.83
N GLN B 108 -8.59 12.17 5.09
CA GLN B 108 -9.00 13.19 4.12
C GLN B 108 -9.82 14.24 4.86
N THR B 109 -9.26 15.45 4.94
CA THR B 109 -9.95 16.61 5.54
C THR B 109 -9.56 17.88 4.79
N ALA B 110 -10.39 18.90 4.93
CA ALA B 110 -10.11 20.19 4.28
C ALA B 110 -8.76 20.78 4.70
N LYS B 111 -8.33 20.51 5.92
CA LYS B 111 -7.08 21.08 6.40
C LYS B 111 -5.88 20.13 6.28
N SER B 112 -6.10 18.98 5.65
CA SER B 112 -5.02 17.99 5.53
C SER B 112 -3.91 18.49 4.63
N LEU B 113 -2.69 18.08 4.95
CA LEU B 113 -1.55 18.28 4.08
C LEU B 113 -1.38 17.09 3.14
N ASP B 114 -0.94 17.39 1.91
CA ASP B 114 -0.80 16.37 0.86
C ASP B 114 0.46 15.55 1.17
N LEU B 115 0.33 14.22 1.16
CA LEU B 115 1.46 13.36 1.47
C LEU B 115 2.67 13.64 0.56
N THR B 116 2.40 14.05 -0.68
CA THR B 116 3.49 14.37 -1.61
C THR B 116 4.32 15.57 -1.14
N GLN B 117 3.76 16.36 -0.23
CA GLN B 117 4.40 17.60 0.25
C GLN B 117 4.86 17.52 1.70
N TYR B 118 4.69 16.35 2.32
CA TYR B 118 4.86 16.22 3.77
C TYR B 118 6.18 15.56 4.17
N CYS B 119 7.03 16.32 4.86
N CYS B 119 7.05 16.33 4.83
CA CYS B 119 8.27 15.78 5.37
CA CYS B 119 8.27 15.75 5.36
C CYS B 119 8.05 15.35 6.82
C CYS B 119 8.02 15.34 6.81
N PHE B 120 8.13 14.04 7.06
CA PHE B 120 7.85 13.49 8.41
C PHE B 120 8.85 13.90 9.46
N PRO B 121 8.35 14.29 10.65
CA PRO B 121 9.23 14.36 11.81
C PRO B 121 9.81 12.97 12.13
N GLU B 122 11.01 12.92 12.71
CA GLU B 122 11.58 11.63 13.15
C GLU B 122 10.67 10.83 14.10
N LYS B 123 10.10 11.51 15.09
CA LYS B 123 9.17 10.87 16.03
C LYS B 123 7.75 11.12 15.54
N SER B 124 7.27 10.20 14.70
CA SER B 124 5.93 10.34 14.11
C SER B 124 5.02 9.28 14.67
N LEU B 125 3.78 9.68 14.93
CA LEU B 125 2.74 8.74 15.34
C LEU B 125 1.61 8.89 14.34
N LEU B 126 1.19 7.76 13.74
CA LEU B 126 0.15 7.78 12.71
C LEU B 126 -1.15 7.28 13.32
N LEU B 127 -2.20 8.08 13.25
CA LEU B 127 -3.52 7.64 13.73
C LEU B 127 -4.40 7.33 12.52
N LEU B 128 -4.75 6.04 12.37
CA LEU B 128 -5.62 5.60 11.30
C LEU B 128 -7.10 5.68 11.69
N GLY B 129 -7.96 5.88 10.71
CA GLY B 129 -9.39 6.00 11.00
C GLY B 129 -10.14 4.69 10.94
N ASN B 130 -11.34 4.69 11.50
CA ASN B 130 -12.25 3.55 11.37
C ASN B 130 -12.70 3.43 9.91
N GLU B 131 -12.88 2.18 9.46
CA GLU B 131 -13.27 1.88 8.09
C GLU B 131 -14.54 2.60 7.66
N ARG B 132 -15.52 2.67 8.56
CA ARG B 132 -16.78 3.36 8.23
C ARG B 132 -16.77 4.85 8.58
N GLU B 133 -16.27 5.18 9.77
CA GLU B 133 -16.47 6.51 10.35
C GLU B 133 -15.26 7.42 10.25
N GLY B 134 -14.13 6.88 9.79
CA GLY B 134 -12.89 7.66 9.76
C GLY B 134 -12.47 8.02 11.17
N ILE B 135 -11.78 9.15 11.30
CA ILE B 135 -11.38 9.67 12.60
C ILE B 135 -12.45 10.66 13.06
N PRO B 136 -13.01 10.44 14.26
CA PRO B 136 -14.11 11.29 14.72
C PRO B 136 -13.62 12.70 15.10
N ALA B 137 -14.53 13.68 15.05
CA ALA B 137 -14.17 15.08 15.25
C ALA B 137 -13.47 15.38 16.57
N ASN B 138 -13.87 14.67 17.63
CA ASN B 138 -13.25 14.87 18.94
C ASN B 138 -11.76 14.50 18.96
N LEU B 139 -11.39 13.50 18.14
CA LEU B 139 -9.99 13.14 17.96
C LEU B 139 -9.26 14.05 16.96
N ILE B 140 -9.92 14.44 15.86
CA ILE B 140 -9.30 15.39 14.93
C ILE B 140 -8.78 16.61 15.70
N GLN B 141 -9.54 17.04 16.70
CA GLN B 141 -9.20 18.22 17.48
C GLN B 141 -7.88 18.10 18.23
N GLN B 142 -7.49 16.86 18.56
CA GLN B 142 -6.29 16.55 19.33
C GLN B 142 -5.04 16.41 18.45
N LEU B 143 -5.22 16.34 17.14
CA LEU B 143 -4.11 16.04 16.22
C LEU B 143 -3.20 17.25 16.05
N ASP B 144 -1.92 17.00 15.80
CA ASP B 144 -0.99 18.05 15.41
C ASP B 144 -1.16 18.44 13.94
N VAL B 145 -1.55 17.48 13.11
CA VAL B 145 -1.67 17.64 11.66
C VAL B 145 -2.47 16.46 11.11
N CYS B 146 -3.10 16.64 9.97
CA CYS B 146 -3.71 15.51 9.25
C CYS B 146 -3.02 15.44 7.91
N VAL B 147 -2.71 14.23 7.47
CA VAL B 147 -2.08 14.04 6.16
C VAL B 147 -2.97 13.18 5.28
N GLU B 148 -3.13 13.62 4.04
CA GLU B 148 -4.05 13.00 3.08
C GLU B 148 -3.26 12.51 1.87
N ILE B 149 -3.64 11.32 1.39
CA ILE B 149 -3.08 10.78 0.16
C ILE B 149 -3.95 11.32 -0.99
N PRO B 150 -3.32 11.97 -1.98
CA PRO B 150 -4.10 12.55 -3.09
C PRO B 150 -4.58 11.42 -4.00
N GLN B 151 -5.79 11.58 -4.53
CA GLN B 151 -6.40 10.56 -5.38
C GLN B 151 -6.76 11.14 -6.74
N GLN B 152 -6.81 10.26 -7.73
CA GLN B 152 -7.12 10.69 -9.10
C GLN B 152 -8.43 10.12 -9.63
N GLY B 153 -8.85 8.99 -9.08
CA GLY B 153 -10.04 8.29 -9.55
C GLY B 153 -11.31 8.80 -8.90
N ILE B 154 -12.37 8.03 -9.10
CA ILE B 154 -13.72 8.36 -8.68
C ILE B 154 -14.11 7.70 -7.32
N ILE B 155 -13.42 6.62 -6.98
CA ILE B 155 -13.63 5.95 -5.69
C ILE B 155 -13.25 6.86 -4.53
N ARG B 156 -14.06 6.85 -3.48
CA ARG B 156 -13.99 7.85 -2.44
C ARG B 156 -12.67 7.85 -1.64
N SER B 157 -12.13 6.67 -1.39
CA SER B 157 -11.01 6.53 -0.45
C SER B 157 -10.28 5.23 -0.71
N LEU B 158 -9.10 5.11 -0.11
CA LEU B 158 -8.34 3.84 -0.08
C LEU B 158 -8.78 2.96 1.09
N ASN B 159 -8.43 1.68 1.03
CA ASN B 159 -8.52 0.81 2.18
C ASN B 159 -7.61 1.35 3.29
N VAL B 160 -8.01 1.16 4.55
CA VAL B 160 -7.26 1.77 5.68
C VAL B 160 -5.86 1.16 5.85
N HIS B 161 -5.74 -0.16 5.65
CA HIS B 161 -4.42 -0.80 5.73
C HIS B 161 -3.51 -0.26 4.61
N VAL B 162 -4.04 -0.17 3.39
CA VAL B 162 -3.25 0.36 2.28
C VAL B 162 -2.80 1.79 2.58
N SER B 163 -3.73 2.60 3.10
CA SER B 163 -3.41 3.97 3.50
C SER B 163 -2.26 4.01 4.51
N GLY B 164 -2.37 3.18 5.55
CA GLY B 164 -1.31 3.12 6.55
C GLY B 164 0.01 2.68 5.91
N ALA B 165 -0.03 1.65 5.07
CA ALA B 165 1.17 1.19 4.34
C ALA B 165 1.86 2.31 3.58
N LEU B 166 1.07 3.13 2.89
CA LEU B 166 1.67 4.18 2.10
C LEU B 166 2.38 5.20 2.99
N LEU B 167 1.77 5.59 4.11
CA LEU B 167 2.46 6.53 5.00
C LEU B 167 3.65 5.90 5.72
N ILE B 168 3.51 4.62 6.08
CA ILE B 168 4.64 3.92 6.71
C ILE B 168 5.81 3.87 5.74
N TRP B 169 5.53 3.55 4.48
CA TRP B 169 6.56 3.53 3.46
C TRP B 169 7.18 4.91 3.25
N GLU B 170 6.35 5.93 3.11
CA GLU B 170 6.85 7.26 2.84
C GLU B 170 7.73 7.76 4.00
N TYR B 171 7.31 7.49 5.23
CA TYR B 171 8.16 7.81 6.38
C TYR B 171 9.49 7.08 6.28
N THR B 172 9.43 5.79 5.98
CA THR B 172 10.62 4.94 5.87
C THR B 172 11.57 5.42 4.75
N ARG B 173 11.01 5.68 3.57
CA ARG B 173 11.77 6.20 2.42
C ARG B 173 12.50 7.46 2.80
N GLN B 174 11.79 8.39 3.44
CA GLN B 174 12.39 9.66 3.83
C GLN B 174 13.51 9.48 4.85
N GLN B 175 13.30 8.57 5.80
CA GLN B 175 14.30 8.29 6.83
C GLN B 175 15.53 7.61 6.27
N LEU B 176 15.33 6.62 5.39
CA LEU B 176 16.45 5.96 4.71
C LEU B 176 17.29 6.99 3.96
N LEU B 177 16.63 7.91 3.26
CA LEU B 177 17.33 8.93 2.49
C LEU B 177 18.03 9.97 3.38
N SER B 178 17.46 10.25 4.54
CA SER B 178 18.04 11.21 5.49
C SER B 178 19.24 10.63 6.24
N HIS B 179 19.32 9.31 6.29
CA HIS B 179 20.37 8.61 7.01
C HIS B 179 21.34 7.90 6.07
#